data_6ELX
#
_entry.id   6ELX
#
_cell.length_a   48.120
_cell.length_b   88.640
_cell.length_c   118.940
_cell.angle_alpha   90.00
_cell.angle_beta   90.00
_cell.angle_gamma   90.00
#
_symmetry.space_group_name_H-M   'P 21 21 21'
#
loop_
_entity.id
_entity.type
_entity.pdbx_description
1 polymer 'Strigolactone esterase D14'
2 non-polymer (4R)-2-METHYLPENTANE-2,4-DIOL
3 non-polymer GLYCEROL
4 non-polymer (4S)-2-METHYL-2,4-PENTANEDIOL
5 water water
#
_entity_poly.entity_id   1
_entity_poly.type   'polypeptide(L)'
_entity_poly.pdbx_seq_one_letter_code
;SGAKLLQILNVRVVGSGERVVVLSHGFGTDQSAWSRVLPYLTRDHRVVLYDLVCAGSVNPDHFDFRRYDNLDAYVDDLLA
ILDALRIPRCAFVGHSVSAMIGILASIRRPDLFAKLVLIGASPRFLNDSDYHGGFELEEIQQVFDAMGANYSAWATGYAP
LAVGADVPAAVQEFSRTLFNMRPDISLHVCQTVFKTDLRGVLGMVRAPCVVVQTTRDVSVPASVAAYLKAHLGGRTTVEF
LQTEGHLPHLSAPSLLAQVLRRALARY
;
_entity_poly.pdbx_strand_id   A,B
#
loop_
_chem_comp.id
_chem_comp.type
_chem_comp.name
_chem_comp.formula
GOL non-polymer GLYCEROL 'C3 H8 O3'
MPD non-polymer (4S)-2-METHYL-2,4-PENTANEDIOL 'C6 H14 O2'
MRD non-polymer (4R)-2-METHYLPENTANE-2,4-DIOL 'C6 H14 O2'
#
# COMPACT_ATOMS: atom_id res chain seq x y z
N SER A 1 19.01 4.33 8.16
CA SER A 1 20.32 4.21 7.51
C SER A 1 20.75 2.75 7.44
N GLY A 2 21.85 2.50 6.74
CA GLY A 2 22.51 1.20 6.72
C GLY A 2 21.64 0.10 6.16
N ALA A 3 21.83 -1.10 6.70
CA ALA A 3 21.15 -2.28 6.18
C ALA A 3 19.63 -2.16 6.31
N LYS A 4 19.15 -1.50 7.36
CA LYS A 4 17.70 -1.34 7.49
C LYS A 4 17.12 -0.51 6.36
N LEU A 5 17.79 0.59 6.00
CA LEU A 5 17.33 1.40 4.88
C LEU A 5 17.35 0.61 3.57
N LEU A 6 18.39 -0.20 3.36
CA LEU A 6 18.45 -1.05 2.17
C LEU A 6 17.26 -1.98 2.12
N GLN A 7 16.80 -2.47 3.27
N GLN A 7 16.81 -2.46 3.27
CA GLN A 7 15.63 -3.34 3.31
CA GLN A 7 15.64 -3.33 3.35
C GLN A 7 14.34 -2.56 3.09
C GLN A 7 14.34 -2.55 3.09
N ILE A 8 14.19 -1.42 3.79
CA ILE A 8 12.93 -0.68 3.78
CA ILE A 8 12.96 -0.64 3.79
C ILE A 8 12.62 -0.17 2.38
N LEU A 9 13.63 0.30 1.65
CA LEU A 9 13.44 0.85 0.32
C LEU A 9 13.71 -0.16 -0.79
N ASN A 10 13.76 -1.44 -0.47
CA ASN A 10 13.80 -2.50 -1.48
C ASN A 10 14.99 -2.35 -2.42
N VAL A 11 16.16 -2.06 -1.86
CA VAL A 11 17.33 -1.82 -2.69
C VAL A 11 17.79 -3.12 -3.34
N ARG A 12 18.08 -3.06 -4.63
CA ARG A 12 18.57 -4.20 -5.39
C ARG A 12 19.75 -3.73 -6.23
N VAL A 13 20.79 -4.57 -6.28
CA VAL A 13 21.97 -4.31 -7.11
C VAL A 13 22.09 -5.46 -8.07
N VAL A 14 22.02 -5.16 -9.37
CA VAL A 14 22.04 -6.19 -10.41
C VAL A 14 23.08 -5.78 -11.46
N GLY A 15 23.44 -6.73 -12.30
CA GLY A 15 24.48 -6.46 -13.27
C GLY A 15 25.87 -6.40 -12.63
N SER A 16 26.83 -5.91 -13.41
CA SER A 16 28.18 -5.76 -12.91
C SER A 16 28.94 -4.80 -13.82
N GLY A 17 29.95 -4.17 -13.26
CA GLY A 17 30.80 -3.28 -14.04
C GLY A 17 31.41 -2.22 -13.15
N GLU A 18 32.43 -1.54 -13.70
CA GLU A 18 32.98 -0.39 -13.00
C GLU A 18 32.12 0.86 -13.18
N ARG A 19 31.25 0.88 -14.18
CA ARG A 19 30.30 1.96 -14.38
C ARG A 19 29.03 1.64 -13.59
N VAL A 20 28.82 2.35 -12.50
CA VAL A 20 27.67 2.15 -11.64
C VAL A 20 26.59 3.12 -12.06
N VAL A 21 25.35 2.65 -12.15
N VAL A 21 25.35 2.65 -12.15
CA VAL A 21 24.22 3.49 -12.50
CA VAL A 21 24.22 3.49 -12.50
C VAL A 21 23.10 3.27 -11.51
C VAL A 21 23.10 3.27 -11.51
N VAL A 22 22.52 4.36 -11.01
CA VAL A 22 21.37 4.32 -10.13
C VAL A 22 20.15 4.67 -10.95
N LEU A 23 19.10 3.87 -10.88
CA LEU A 23 17.82 4.17 -11.52
C LEU A 23 16.83 4.54 -10.42
N SER A 24 16.26 5.74 -10.51
CA SER A 24 15.43 6.31 -9.46
C SER A 24 14.09 6.72 -10.08
N HIS A 25 13.02 6.04 -9.67
CA HIS A 25 11.72 6.18 -10.31
C HIS A 25 11.00 7.45 -9.85
N GLY A 26 9.90 7.75 -10.54
CA GLY A 26 9.14 8.95 -10.34
C GLY A 26 7.83 8.72 -9.60
N PHE A 27 7.01 9.76 -9.61
CA PHE A 27 5.72 9.72 -8.92
C PHE A 27 4.81 8.68 -9.54
N GLY A 28 4.20 7.86 -8.69
CA GLY A 28 3.18 6.93 -9.14
C GLY A 28 3.68 5.59 -9.64
N THR A 29 4.99 5.36 -9.61
CA THR A 29 5.62 4.11 -9.99
C THR A 29 6.46 3.59 -8.83
N ASP A 30 7.07 2.43 -9.05
CA ASP A 30 8.16 1.97 -8.21
C ASP A 30 9.31 1.51 -9.10
N GLN A 31 10.30 0.81 -8.55
CA GLN A 31 11.44 0.44 -9.38
C GLN A 31 11.08 -0.51 -10.51
N SER A 32 9.93 -1.19 -10.43
CA SER A 32 9.52 -2.07 -11.52
C SER A 32 9.32 -1.31 -12.82
N ALA A 33 9.14 0.01 -12.76
CA ALA A 33 8.99 0.79 -13.99
C ALA A 33 10.22 0.70 -14.88
N TRP A 34 11.37 0.35 -14.31
CA TRP A 34 12.60 0.20 -15.08
C TRP A 34 12.77 -1.20 -15.67
N SER A 35 11.81 -2.10 -15.50
CA SER A 35 12.04 -3.51 -15.83
CA SER A 35 12.07 -3.50 -15.81
C SER A 35 12.33 -3.74 -17.30
N ARG A 36 11.77 -2.93 -18.19
CA ARG A 36 11.99 -3.17 -19.61
C ARG A 36 13.27 -2.54 -20.14
N VAL A 37 13.74 -1.46 -19.54
CA VAL A 37 15.03 -0.94 -19.95
C VAL A 37 16.19 -1.66 -19.25
N LEU A 38 15.93 -2.25 -18.09
CA LEU A 38 17.00 -2.88 -17.30
C LEU A 38 17.86 -3.87 -18.09
N PRO A 39 17.31 -4.78 -18.89
CA PRO A 39 18.17 -5.75 -19.59
C PRO A 39 19.12 -5.10 -20.58
N TYR A 40 18.88 -3.86 -21.00
CA TYR A 40 19.80 -3.17 -21.89
C TYR A 40 21.03 -2.62 -21.16
N LEU A 41 21.04 -2.66 -19.83
CA LEU A 41 22.08 -2.02 -19.04
C LEU A 41 22.93 -2.99 -18.23
N THR A 42 22.39 -4.16 -17.88
CA THR A 42 23.04 -4.97 -16.85
C THR A 42 24.26 -5.75 -17.33
N ARG A 43 24.44 -5.94 -18.64
CA ARG A 43 25.69 -6.54 -19.12
C ARG A 43 26.87 -5.61 -18.89
N ASP A 44 26.63 -4.30 -18.97
CA ASP A 44 27.68 -3.29 -19.03
C ASP A 44 27.82 -2.48 -17.75
N HIS A 45 26.85 -2.54 -16.86
CA HIS A 45 26.82 -1.67 -15.71
C HIS A 45 26.39 -2.45 -14.48
N ARG A 46 26.89 -2.01 -13.33
CA ARG A 46 26.29 -2.37 -12.06
C ARG A 46 25.13 -1.41 -11.80
N VAL A 47 23.92 -1.93 -11.70
CA VAL A 47 22.72 -1.10 -11.62
C VAL A 47 22.14 -1.18 -10.21
N VAL A 48 21.92 -0.02 -9.60
CA VAL A 48 21.28 0.08 -8.29
C VAL A 48 19.86 0.54 -8.51
N LEU A 49 18.90 -0.25 -8.02
CA LEU A 49 17.49 0.13 -8.03
C LEU A 49 16.99 0.26 -6.60
N TYR A 50 16.04 1.18 -6.39
CA TYR A 50 15.44 1.32 -5.07
C TYR A 50 14.07 1.96 -5.26
N ASP A 51 13.24 1.86 -4.23
CA ASP A 51 11.94 2.51 -4.22
C ASP A 51 12.02 3.76 -3.35
N LEU A 52 11.46 4.87 -3.86
CA LEU A 52 11.24 6.03 -3.01
C LEU A 52 10.33 5.64 -1.85
N VAL A 53 10.49 6.35 -0.73
CA VAL A 53 9.70 6.02 0.45
C VAL A 53 8.21 6.14 0.20
N CYS A 54 7.79 6.93 -0.79
CA CYS A 54 6.37 7.12 -1.11
C CYS A 54 5.80 6.04 -2.02
N ALA A 55 6.63 5.14 -2.54
CA ALA A 55 6.12 4.13 -3.46
C ALA A 55 5.18 3.17 -2.74
N GLY A 56 4.14 2.73 -3.45
CA GLY A 56 3.19 1.79 -2.89
C GLY A 56 3.79 0.46 -2.52
N SER A 57 4.96 0.14 -3.05
CA SER A 57 5.69 -1.09 -2.75
C SER A 57 6.50 -0.99 -1.45
N VAL A 58 6.52 0.16 -0.80
CA VAL A 58 7.16 0.35 0.50
C VAL A 58 6.03 0.39 1.52
N ASN A 59 6.26 -0.18 2.70
CA ASN A 59 5.26 -0.12 3.75
C ASN A 59 4.96 1.35 4.05
N PRO A 60 3.70 1.80 3.89
CA PRO A 60 3.41 3.23 4.04
C PRO A 60 3.57 3.75 5.44
N ASP A 61 3.67 2.87 6.44
CA ASP A 61 3.89 3.38 7.78
C ASP A 61 5.33 3.86 7.98
N HIS A 62 6.22 3.69 6.99
CA HIS A 62 7.51 4.37 7.04
C HIS A 62 7.43 5.83 6.60
N PHE A 63 6.32 6.27 6.05
CA PHE A 63 6.26 7.61 5.48
C PHE A 63 6.02 8.64 6.57
N ASP A 64 7.07 9.36 6.93
CA ASP A 64 7.01 10.41 7.95
C ASP A 64 6.64 11.72 7.25
N PHE A 65 5.39 12.16 7.44
CA PHE A 65 4.90 13.34 6.73
C PHE A 65 5.69 14.59 7.08
N ARG A 66 6.17 14.68 8.32
CA ARG A 66 6.96 15.83 8.73
C ARG A 66 8.31 15.82 8.04
N ARG A 67 8.97 14.66 8.03
CA ARG A 67 10.30 14.58 7.45
C ARG A 67 10.28 14.84 5.95
N TYR A 68 9.30 14.26 5.25
CA TYR A 68 9.28 14.27 3.80
C TYR A 68 8.54 15.46 3.21
N ASP A 69 8.42 16.54 3.98
CA ASP A 69 7.78 17.74 3.46
CA ASP A 69 7.84 17.81 3.58
C ASP A 69 8.71 18.57 2.59
N ASN A 70 9.93 18.09 2.34
N ASN A 70 9.91 18.08 2.29
CA ASN A 70 10.80 18.71 1.34
CA ASN A 70 10.81 18.74 1.36
C ASN A 70 11.55 17.60 0.63
C ASN A 70 11.72 17.68 0.74
N LEU A 71 12.14 17.94 -0.50
CA LEU A 71 12.87 16.93 -1.26
C LEU A 71 14.23 16.59 -0.67
N ASP A 72 14.77 17.45 0.19
CA ASP A 72 16.07 17.14 0.78
C ASP A 72 16.02 15.86 1.59
N ALA A 73 14.86 15.50 2.17
CA ALA A 73 14.76 14.25 2.91
C ALA A 73 14.85 13.04 1.98
N TYR A 74 14.30 13.16 0.77
CA TYR A 74 14.48 12.09 -0.22
C TYR A 74 15.92 12.00 -0.67
N VAL A 75 16.59 13.16 -0.81
CA VAL A 75 18.01 13.17 -1.10
C VAL A 75 18.78 12.41 -0.02
N ASP A 76 18.45 12.66 1.25
CA ASP A 76 19.13 11.99 2.35
C ASP A 76 19.05 10.47 2.21
N ASP A 77 17.87 9.96 1.82
CA ASP A 77 17.72 8.51 1.63
C ASP A 77 18.64 8.00 0.53
N LEU A 78 18.64 8.69 -0.62
CA LEU A 78 19.49 8.27 -1.73
C LEU A 78 20.96 8.23 -1.32
N LEU A 79 21.42 9.29 -0.66
CA LEU A 79 22.82 9.34 -0.25
C LEU A 79 23.14 8.25 0.76
N ALA A 80 22.21 7.98 1.69
CA ALA A 80 22.46 6.93 2.67
C ALA A 80 22.53 5.56 2.03
N ILE A 81 21.72 5.31 0.99
CA ILE A 81 21.78 4.05 0.26
C ILE A 81 23.16 3.90 -0.39
N LEU A 82 23.61 4.93 -1.10
CA LEU A 82 24.88 4.82 -1.82
C LEU A 82 26.05 4.69 -0.85
N ASP A 83 25.98 5.41 0.28
CA ASP A 83 27.03 5.28 1.30
C ASP A 83 27.02 3.88 1.90
N ALA A 84 25.84 3.34 2.19
CA ALA A 84 25.76 1.98 2.72
C ALA A 84 26.29 0.94 1.73
N LEU A 85 26.11 1.16 0.43
CA LEU A 85 26.65 0.26 -0.58
C LEU A 85 28.12 0.52 -0.87
N ARG A 86 28.73 1.51 -0.23
CA ARG A 86 30.14 1.85 -0.43
C ARG A 86 30.44 2.28 -1.87
N ILE A 87 29.51 2.96 -2.52
CA ILE A 87 29.68 3.37 -3.91
C ILE A 87 30.24 4.80 -3.91
N PRO A 88 31.44 5.03 -4.44
CA PRO A 88 32.01 6.37 -4.42
C PRO A 88 31.69 7.23 -5.64
N ARG A 89 31.17 6.64 -6.71
CA ARG A 89 30.96 7.38 -7.95
CA ARG A 89 30.98 7.37 -7.97
C ARG A 89 29.95 6.62 -8.79
N CYS A 90 28.98 7.34 -9.35
CA CYS A 90 27.94 6.70 -10.14
C CYS A 90 27.36 7.70 -11.13
N ALA A 91 26.64 7.16 -12.10
CA ALA A 91 25.69 7.94 -12.90
C ALA A 91 24.30 7.73 -12.31
N PHE A 92 23.45 8.73 -12.46
CA PHE A 92 22.12 8.68 -11.85
C PHE A 92 21.09 9.01 -12.92
N VAL A 93 20.09 8.14 -13.05
CA VAL A 93 18.98 8.33 -13.97
C VAL A 93 17.74 8.54 -13.12
N GLY A 94 17.11 9.69 -13.25
CA GLY A 94 15.94 10.02 -12.45
C GLY A 94 14.78 10.47 -13.29
N HIS A 95 13.61 9.93 -12.97
CA HIS A 95 12.36 10.32 -13.60
C HIS A 95 11.56 11.23 -12.67
N SER A 96 11.01 12.33 -13.20
CA SER A 96 9.94 13.06 -12.50
C SER A 96 10.50 13.62 -11.20
N VAL A 97 9.92 13.32 -10.04
CA VAL A 97 10.45 13.83 -8.78
C VAL A 97 11.89 13.38 -8.57
N SER A 98 12.27 12.22 -9.10
CA SER A 98 13.65 11.80 -8.95
C SER A 98 14.61 12.62 -9.81
N ALA A 99 14.14 13.28 -10.88
CA ALA A 99 15.03 14.22 -11.56
C ALA A 99 15.39 15.38 -10.64
N MET A 100 14.40 15.89 -9.90
CA MET A 100 14.67 16.92 -8.89
C MET A 100 15.59 16.40 -7.79
N ILE A 101 15.34 15.19 -7.31
CA ILE A 101 16.20 14.59 -6.29
C ILE A 101 17.62 14.47 -6.79
N GLY A 102 17.81 14.06 -8.04
CA GLY A 102 19.14 13.90 -8.57
C GLY A 102 19.89 15.22 -8.69
N ILE A 103 19.20 16.27 -9.15
CA ILE A 103 19.80 17.59 -9.18
C ILE A 103 20.32 17.97 -7.79
N LEU A 104 19.45 17.86 -6.78
CA LEU A 104 19.86 18.26 -5.43
C LEU A 104 20.98 17.39 -4.91
N ALA A 105 20.91 16.08 -5.17
CA ALA A 105 21.94 15.18 -4.70
C ALA A 105 23.29 15.48 -5.32
N SER A 106 23.30 15.85 -6.61
CA SER A 106 24.55 16.16 -7.29
C SER A 106 25.18 17.44 -6.75
N ILE A 107 24.36 18.33 -6.19
CA ILE A 107 24.89 19.54 -5.56
C ILE A 107 25.46 19.21 -4.19
N ARG A 108 24.73 18.40 -3.41
CA ARG A 108 25.19 18.01 -2.09
C ARG A 108 26.49 17.21 -2.16
N ARG A 109 26.63 16.34 -3.17
CA ARG A 109 27.73 15.39 -3.24
C ARG A 109 28.28 15.32 -4.65
N PRO A 110 28.97 16.37 -5.12
CA PRO A 110 29.46 16.38 -6.50
C PRO A 110 30.51 15.32 -6.77
N ASP A 111 31.18 14.82 -5.72
CA ASP A 111 32.12 13.72 -5.88
C ASP A 111 31.44 12.42 -6.29
N LEU A 112 30.18 12.26 -5.92
CA LEU A 112 29.48 11.00 -6.07
C LEU A 112 28.77 10.88 -7.41
N PHE A 113 28.34 12.00 -7.98
CA PHE A 113 27.50 11.97 -9.18
C PHE A 113 28.31 12.40 -10.39
N ALA A 114 28.71 11.42 -11.18
CA ALA A 114 29.54 11.68 -12.35
C ALA A 114 28.72 12.11 -13.56
N LYS A 115 27.43 11.78 -13.59
CA LYS A 115 26.59 12.13 -14.73
C LYS A 115 25.15 11.99 -14.28
N LEU A 116 24.29 12.88 -14.78
CA LEU A 116 22.85 12.81 -14.55
C LEU A 116 22.13 12.59 -15.87
N VAL A 117 21.11 11.73 -15.85
CA VAL A 117 20.18 11.59 -16.97
C VAL A 117 18.81 11.87 -16.39
N LEU A 118 18.14 12.89 -16.94
CA LEU A 118 16.91 13.42 -16.34
C LEU A 118 15.76 13.18 -17.31
N ILE A 119 14.73 12.48 -16.86
CA ILE A 119 13.57 12.10 -17.68
C ILE A 119 12.33 12.74 -17.05
N GLY A 120 11.46 13.31 -17.89
CA GLY A 120 10.28 13.98 -17.35
C GLY A 120 10.66 15.07 -16.39
N ALA A 121 11.67 15.87 -16.73
CA ALA A 121 12.37 16.69 -15.74
C ALA A 121 11.96 18.16 -15.82
N SER A 122 11.76 18.76 -14.65
CA SER A 122 11.47 20.18 -14.55
C SER A 122 12.05 20.73 -13.26
N PRO A 123 12.52 21.97 -13.25
CA PRO A 123 12.94 22.60 -12.00
C PRO A 123 11.81 23.28 -11.25
N ARG A 124 10.65 23.45 -11.88
CA ARG A 124 9.52 24.14 -11.29
C ARG A 124 8.29 23.94 -12.17
N PHE A 125 7.21 23.43 -11.59
CA PHE A 125 6.00 23.13 -12.34
C PHE A 125 5.04 24.31 -12.42
N LEU A 126 4.99 25.16 -11.40
CA LEU A 126 4.12 26.33 -11.44
C LEU A 126 4.69 27.40 -12.35
N ASN A 127 3.81 28.06 -13.10
CA ASN A 127 4.22 29.22 -13.87
C ASN A 127 4.70 30.34 -12.93
N ASP A 128 5.54 31.21 -13.47
CA ASP A 128 6.02 32.40 -12.79
C ASP A 128 6.02 33.54 -13.81
N SER A 129 6.55 34.70 -13.39
CA SER A 129 6.37 35.93 -14.17
C SER A 129 6.87 35.77 -15.60
N ASP A 130 8.09 35.28 -15.78
CA ASP A 130 8.64 35.05 -17.10
C ASP A 130 9.06 33.60 -17.27
N TYR A 131 8.29 32.69 -16.68
CA TYR A 131 8.66 31.28 -16.65
C TYR A 131 7.41 30.43 -16.85
N HIS A 132 7.43 29.59 -17.87
CA HIS A 132 6.33 28.67 -18.15
C HIS A 132 6.67 27.28 -17.60
N GLY A 133 6.05 26.94 -16.48
CA GLY A 133 6.24 25.63 -15.88
C GLY A 133 5.17 24.64 -16.31
N GLY A 134 3.99 25.15 -16.68
CA GLY A 134 2.91 24.33 -17.18
C GLY A 134 1.68 24.28 -16.30
N PHE A 135 1.70 24.84 -15.10
CA PHE A 135 0.59 24.71 -14.17
C PHE A 135 0.31 26.06 -13.54
N GLU A 136 -0.96 26.30 -13.22
CA GLU A 136 -1.40 27.44 -12.45
C GLU A 136 -1.84 26.99 -11.05
N LEU A 137 -1.82 27.94 -10.12
CA LEU A 137 -2.15 27.64 -8.73
CA LEU A 137 -2.15 27.64 -8.73
C LEU A 137 -3.57 27.10 -8.60
N GLU A 138 -4.54 27.76 -9.25
CA GLU A 138 -5.94 27.33 -9.13
C GLU A 138 -6.12 25.93 -9.71
N GLU A 139 -5.41 25.63 -10.78
CA GLU A 139 -5.50 24.32 -11.41
C GLU A 139 -5.00 23.23 -10.46
N ILE A 140 -3.84 23.45 -9.84
CA ILE A 140 -3.33 22.43 -8.93
C ILE A 140 -4.19 22.30 -7.68
N GLN A 141 -4.82 23.39 -7.22
CA GLN A 141 -5.73 23.28 -6.09
C GLN A 141 -6.86 22.31 -6.40
N GLN A 142 -7.39 22.37 -7.62
CA GLN A 142 -8.46 21.45 -8.02
C GLN A 142 -7.96 20.02 -8.13
N VAL A 143 -6.73 19.85 -8.62
CA VAL A 143 -6.12 18.52 -8.66
C VAL A 143 -5.99 17.96 -7.25
N PHE A 144 -5.46 18.75 -6.32
CA PHE A 144 -5.34 18.31 -4.93
C PHE A 144 -6.71 17.93 -4.35
N ASP A 145 -7.74 18.73 -4.66
CA ASP A 145 -9.09 18.42 -4.18
C ASP A 145 -9.58 17.09 -4.75
N ALA A 146 -9.36 16.88 -6.06
CA ALA A 146 -9.80 15.64 -6.69
C ALA A 146 -9.08 14.43 -6.10
N MET A 147 -7.77 14.58 -5.83
CA MET A 147 -7.01 13.49 -5.23
C MET A 147 -7.56 13.10 -3.87
N GLY A 148 -8.07 14.07 -3.10
CA GLY A 148 -8.67 13.78 -1.82
C GLY A 148 -10.10 13.29 -1.90
N ALA A 149 -10.89 13.88 -2.80
CA ALA A 149 -12.32 13.57 -2.85
C ALA A 149 -12.58 12.19 -3.43
N ASN A 150 -11.75 11.76 -4.38
CA ASN A 150 -11.95 10.48 -5.04
C ASN A 150 -10.64 10.10 -5.71
N TYR A 151 -9.71 9.57 -4.91
CA TYR A 151 -8.38 9.23 -5.42
C TYR A 151 -8.46 8.25 -6.58
N SER A 152 -9.34 7.23 -6.48
CA SER A 152 -9.43 6.22 -7.53
CA SER A 152 -9.42 6.24 -7.54
C SER A 152 -9.86 6.85 -8.86
N ALA A 153 -10.86 7.72 -8.83
CA ALA A 153 -11.29 8.37 -10.07
C ALA A 153 -10.19 9.27 -10.61
N TRP A 154 -9.50 10.01 -9.74
CA TRP A 154 -8.41 10.86 -10.18
C TRP A 154 -7.33 10.05 -10.87
N ALA A 155 -6.93 8.93 -10.25
CA ALA A 155 -5.86 8.11 -10.81
C ALA A 155 -6.28 7.49 -12.14
N THR A 156 -7.54 7.03 -12.25
CA THR A 156 -8.02 6.47 -13.50
C THR A 156 -7.94 7.48 -14.63
N GLY A 157 -8.24 8.74 -14.33
CA GLY A 157 -8.17 9.76 -15.38
C GLY A 157 -6.77 10.21 -15.68
N TYR A 158 -5.88 10.18 -14.68
CA TYR A 158 -4.53 10.69 -14.86
C TYR A 158 -3.66 9.72 -15.65
N ALA A 159 -3.80 8.43 -15.40
CA ALA A 159 -2.89 7.45 -16.00
C ALA A 159 -2.79 7.57 -17.51
N PRO A 160 -3.89 7.64 -18.28
CA PRO A 160 -3.72 7.75 -19.74
C PRO A 160 -3.14 9.07 -20.18
N LEU A 161 -3.39 10.15 -19.43
CA LEU A 161 -2.83 11.43 -19.80
C LEU A 161 -1.33 11.45 -19.58
N ALA A 162 -0.87 10.83 -18.49
CA ALA A 162 0.57 10.77 -18.23
C ALA A 162 1.28 9.91 -19.28
N VAL A 163 0.70 8.75 -19.60
CA VAL A 163 1.31 7.90 -20.63
C VAL A 163 1.32 8.62 -21.97
N GLY A 164 0.24 9.36 -22.26
CA GLY A 164 0.20 10.25 -23.41
C GLY A 164 -0.15 9.53 -24.70
N ALA A 165 0.79 8.73 -25.19
CA ALA A 165 0.52 7.88 -26.34
C ALA A 165 -0.50 6.82 -25.97
N ASP A 166 -1.25 6.35 -26.97
CA ASP A 166 -2.26 5.33 -26.71
C ASP A 166 -1.58 3.96 -26.67
N VAL A 167 -1.03 3.65 -25.50
CA VAL A 167 -0.32 2.39 -25.25
C VAL A 167 -1.02 1.71 -24.07
N PRO A 168 -2.05 0.91 -24.32
CA PRO A 168 -2.89 0.41 -23.22
C PRO A 168 -2.14 -0.35 -22.15
N ALA A 169 -1.14 -1.16 -22.54
CA ALA A 169 -0.39 -1.91 -21.52
C ALA A 169 0.35 -0.97 -20.58
N ALA A 170 0.86 0.15 -21.09
CA ALA A 170 1.55 1.10 -20.23
C ALA A 170 0.59 1.83 -19.30
N VAL A 171 -0.60 2.16 -19.79
CA VAL A 171 -1.62 2.77 -18.94
C VAL A 171 -1.99 1.82 -17.81
N GLN A 172 -2.18 0.53 -18.14
CA GLN A 172 -2.53 -0.44 -17.12
C GLN A 172 -1.43 -0.56 -16.07
N GLU A 173 -0.17 -0.57 -16.52
CA GLU A 173 0.95 -0.72 -15.60
C GLU A 173 1.11 0.51 -14.70
N PHE A 174 1.03 1.71 -15.27
CA PHE A 174 1.14 2.91 -14.45
C PHE A 174 -0.04 2.99 -13.48
N SER A 175 -1.24 2.65 -13.94
N SER A 175 -1.25 2.66 -13.96
CA SER A 175 -2.41 2.66 -13.07
CA SER A 175 -2.42 2.62 -13.09
C SER A 175 -2.24 1.69 -11.90
C SER A 175 -2.18 1.71 -11.89
N ARG A 176 -1.64 0.52 -12.15
CA ARG A 176 -1.42 -0.44 -11.08
C ARG A 176 -0.60 0.18 -9.94
N THR A 177 0.52 0.82 -10.27
CA THR A 177 1.33 1.41 -9.22
C THR A 177 0.72 2.69 -8.65
N LEU A 178 0.00 3.47 -9.45
CA LEU A 178 -0.67 4.65 -8.90
CA LEU A 178 -0.69 4.65 -8.92
C LEU A 178 -1.73 4.25 -7.88
N PHE A 179 -2.50 3.20 -8.19
CA PHE A 179 -3.52 2.72 -7.26
C PHE A 179 -2.91 2.08 -6.03
N ASN A 180 -1.63 1.72 -6.11
N ASN A 180 -1.64 1.70 -6.09
CA ASN A 180 -0.88 1.12 -5.01
CA ASN A 180 -0.95 1.12 -4.95
C ASN A 180 -0.42 2.15 -3.99
C ASN A 180 -0.47 2.16 -3.96
N MET A 181 -0.38 3.43 -4.37
CA MET A 181 0.05 4.47 -3.46
C MET A 181 -1.07 4.80 -2.50
N ARG A 182 -0.72 5.02 -1.24
CA ARG A 182 -1.73 5.46 -0.30
C ARG A 182 -2.18 6.87 -0.67
N PRO A 183 -3.49 7.15 -0.71
CA PRO A 183 -3.93 8.45 -1.24
C PRO A 183 -3.38 9.65 -0.52
N ASP A 184 -3.23 9.57 0.81
CA ASP A 184 -2.68 10.72 1.55
C ASP A 184 -1.21 10.92 1.23
N ILE A 185 -0.47 9.85 1.01
CA ILE A 185 0.93 9.97 0.63
C ILE A 185 1.04 10.55 -0.77
N SER A 186 0.22 10.06 -1.69
CA SER A 186 0.23 10.58 -3.06
CA SER A 186 0.25 10.57 -3.05
C SER A 186 -0.01 12.08 -3.08
N LEU A 187 -1.04 12.53 -2.38
CA LEU A 187 -1.32 13.96 -2.30
C LEU A 187 -0.12 14.72 -1.73
N HIS A 188 0.47 14.19 -0.66
CA HIS A 188 1.57 14.88 0.00
C HIS A 188 2.78 15.02 -0.91
N VAL A 189 3.12 13.95 -1.65
CA VAL A 189 4.22 14.02 -2.60
C VAL A 189 3.97 15.08 -3.66
N CYS A 190 2.75 15.09 -4.20
CA CYS A 190 2.42 16.08 -5.21
CA CYS A 190 2.39 16.08 -5.21
C CYS A 190 2.52 17.49 -4.66
N GLN A 191 2.03 17.72 -3.45
CA GLN A 191 2.14 19.04 -2.85
C GLN A 191 3.62 19.43 -2.67
N THR A 192 4.44 18.47 -2.26
CA THR A 192 5.87 18.74 -2.07
C THR A 192 6.54 19.09 -3.38
N VAL A 193 6.23 18.35 -4.45
CA VAL A 193 6.81 18.66 -5.77
C VAL A 193 6.38 20.04 -6.23
N PHE A 194 5.10 20.38 -6.05
CA PHE A 194 4.60 21.66 -6.56
C PHE A 194 5.10 22.84 -5.77
N LYS A 195 5.59 22.65 -4.55
CA LYS A 195 6.20 23.76 -3.84
C LYS A 195 7.71 23.86 -4.03
N THR A 196 8.31 22.95 -4.80
CA THR A 196 9.75 22.95 -5.02
C THR A 196 10.10 23.85 -6.20
N ASP A 197 11.17 24.64 -6.04
CA ASP A 197 11.63 25.53 -7.11
C ASP A 197 13.15 25.43 -7.12
N LEU A 198 13.68 24.68 -8.08
CA LEU A 198 15.11 24.44 -8.18
C LEU A 198 15.82 25.42 -9.11
N ARG A 199 15.11 26.42 -9.66
CA ARG A 199 15.72 27.27 -10.67
C ARG A 199 17.01 27.92 -10.17
N GLY A 200 17.01 28.39 -8.92
CA GLY A 200 18.17 29.11 -8.41
C GLY A 200 19.42 28.25 -8.23
N VAL A 201 19.24 26.95 -8.01
CA VAL A 201 20.38 26.08 -7.73
C VAL A 201 20.90 25.34 -8.95
N LEU A 202 20.27 25.50 -10.12
CA LEU A 202 20.70 24.71 -11.28
C LEU A 202 22.17 24.92 -11.61
N GLY A 203 22.66 26.15 -11.45
CA GLY A 203 24.04 26.46 -11.79
C GLY A 203 25.06 25.81 -10.87
N MET A 204 24.61 25.29 -9.71
CA MET A 204 25.49 24.58 -8.79
C MET A 204 25.75 23.14 -9.20
N VAL A 205 24.96 22.60 -10.13
CA VAL A 205 25.21 21.24 -10.61
C VAL A 205 26.53 21.25 -11.39
N ARG A 206 27.44 20.34 -11.04
CA ARG A 206 28.71 20.26 -11.75
C ARG A 206 28.78 19.08 -12.71
N ALA A 207 27.91 18.09 -12.52
CA ALA A 207 27.94 16.89 -13.33
C ALA A 207 27.42 17.18 -14.74
N PRO A 208 27.99 16.53 -15.77
CA PRO A 208 27.35 16.56 -17.08
C PRO A 208 25.97 15.95 -16.97
N CYS A 209 25.06 16.43 -17.82
CA CYS A 209 23.64 16.09 -17.73
CA CYS A 209 23.67 16.02 -17.74
C CYS A 209 23.10 15.82 -19.13
N VAL A 210 22.29 14.77 -19.24
CA VAL A 210 21.47 14.53 -20.44
C VAL A 210 20.02 14.72 -20.02
N VAL A 211 19.33 15.64 -20.67
CA VAL A 211 17.91 15.87 -20.46
C VAL A 211 17.18 15.14 -21.59
N VAL A 212 16.33 14.18 -21.24
CA VAL A 212 15.57 13.43 -22.23
C VAL A 212 14.26 14.16 -22.47
N GLN A 213 14.01 14.57 -23.71
CA GLN A 213 12.78 15.25 -24.06
C GLN A 213 11.95 14.38 -25.00
N THR A 214 10.69 14.12 -24.63
CA THR A 214 9.77 13.47 -25.53
C THR A 214 9.00 14.54 -26.31
N THR A 215 8.15 14.11 -27.26
CA THR A 215 7.48 15.11 -28.09
C THR A 215 6.28 15.76 -27.41
N ARG A 216 5.82 15.23 -26.29
N ARG A 216 5.83 15.22 -26.28
CA ARG A 216 4.84 15.92 -25.46
CA ARG A 216 4.79 15.87 -25.47
C ARG A 216 4.85 15.23 -24.10
C ARG A 216 4.72 15.23 -24.10
N ASP A 217 4.80 16.05 -23.06
CA ASP A 217 4.74 15.57 -21.68
C ASP A 217 3.73 16.45 -20.96
N VAL A 218 2.66 15.84 -20.46
CA VAL A 218 1.59 16.59 -19.82
C VAL A 218 2.09 17.46 -18.68
N SER A 219 3.21 17.11 -18.05
CA SER A 219 3.73 17.84 -16.90
CA SER A 219 3.72 17.84 -16.91
C SER A 219 4.95 18.70 -17.22
N VAL A 220 5.47 18.64 -18.44
CA VAL A 220 6.70 19.36 -18.76
C VAL A 220 6.56 20.01 -20.13
N PRO A 221 6.32 21.32 -20.18
CA PRO A 221 6.30 22.02 -21.48
C PRO A 221 7.61 21.85 -22.24
N ALA A 222 7.51 21.89 -23.57
CA ALA A 222 8.68 21.70 -24.41
C ALA A 222 9.79 22.69 -24.07
N SER A 223 9.43 23.90 -23.63
CA SER A 223 10.42 24.93 -23.37
C SER A 223 11.25 24.64 -22.12
N VAL A 224 10.83 23.71 -21.27
CA VAL A 224 11.58 23.46 -20.04
C VAL A 224 12.92 22.82 -20.33
N ALA A 225 12.99 21.91 -21.30
CA ALA A 225 14.27 21.28 -21.61
C ALA A 225 15.32 22.32 -22.00
N ALA A 226 14.94 23.31 -22.81
CA ALA A 226 15.88 24.35 -23.18
C ALA A 226 16.29 25.19 -21.97
N TYR A 227 15.34 25.45 -21.07
CA TYR A 227 15.68 26.14 -19.83
C TYR A 227 16.71 25.35 -19.03
N LEU A 228 16.49 24.05 -18.84
CA LEU A 228 17.47 23.23 -18.14
C LEU A 228 18.82 23.25 -18.83
N LYS A 229 18.84 23.16 -20.17
CA LYS A 229 20.12 23.19 -20.88
C LYS A 229 20.82 24.52 -20.69
N ALA A 230 20.06 25.63 -20.64
CA ALA A 230 20.67 26.94 -20.50
C ALA A 230 21.19 27.18 -19.08
N HIS A 231 20.59 26.55 -18.06
CA HIS A 231 20.89 26.93 -16.69
C HIS A 231 21.60 25.87 -15.86
N LEU A 232 21.55 24.60 -16.23
CA LEU A 232 22.32 23.59 -15.48
C LEU A 232 23.81 23.91 -15.58
N GLY A 233 24.53 23.73 -14.47
CA GLY A 233 25.92 24.16 -14.42
C GLY A 233 26.93 23.25 -15.06
N GLY A 234 26.55 22.03 -15.43
CA GLY A 234 27.46 21.11 -16.08
C GLY A 234 27.26 21.13 -17.59
N ARG A 235 28.04 20.29 -18.26
CA ARG A 235 27.91 20.14 -19.72
C ARG A 235 26.60 19.41 -20.00
N THR A 236 25.64 20.09 -20.60
CA THR A 236 24.30 19.55 -20.71
C THR A 236 23.88 19.44 -22.17
N THR A 237 23.27 18.32 -22.50
CA THR A 237 22.66 18.14 -23.82
C THR A 237 21.22 17.70 -23.63
N VAL A 238 20.42 17.94 -24.65
CA VAL A 238 19.04 17.49 -24.71
C VAL A 238 18.98 16.40 -25.77
N GLU A 239 18.47 15.24 -25.41
CA GLU A 239 18.29 14.14 -26.34
C GLU A 239 16.80 13.98 -26.61
N PHE A 240 16.43 13.88 -27.88
CA PHE A 240 15.03 13.94 -28.31
C PHE A 240 14.52 12.55 -28.68
N LEU A 241 13.56 12.05 -27.90
CA LEU A 241 12.88 10.81 -28.23
CA LEU A 241 12.89 10.81 -28.24
C LEU A 241 11.81 11.08 -29.29
N GLN A 242 11.69 10.17 -30.25
CA GLN A 242 10.77 10.36 -31.36
C GLN A 242 9.35 9.89 -31.05
N THR A 243 8.96 9.91 -29.78
CA THR A 243 7.60 9.59 -29.35
CA THR A 243 7.58 9.65 -29.41
C THR A 243 7.23 10.52 -28.21
N GLU A 244 5.98 10.43 -27.79
CA GLU A 244 5.47 11.29 -26.72
C GLU A 244 5.33 10.53 -25.41
N GLY A 245 5.16 11.31 -24.34
CA GLY A 245 4.72 10.78 -23.07
C GLY A 245 5.60 11.20 -21.91
N HIS A 246 5.04 11.10 -20.71
CA HIS A 246 5.76 11.37 -19.47
C HIS A 246 6.52 10.15 -18.97
N LEU A 247 6.19 8.95 -19.45
CA LEU A 247 6.77 7.71 -18.92
C LEU A 247 7.35 6.86 -20.05
N PRO A 248 8.35 7.37 -20.76
CA PRO A 248 8.91 6.60 -21.88
C PRO A 248 9.53 5.28 -21.45
N HIS A 249 9.96 5.14 -20.20
CA HIS A 249 10.43 3.83 -19.76
C HIS A 249 9.33 2.78 -19.73
N LEU A 250 8.06 3.19 -19.62
CA LEU A 250 6.93 2.26 -19.73
C LEU A 250 6.42 2.16 -21.16
N SER A 251 6.36 3.27 -21.89
CA SER A 251 5.66 3.28 -23.17
C SER A 251 6.59 3.10 -24.37
N ALA A 252 7.87 3.40 -24.24
CA ALA A 252 8.80 3.24 -25.35
C ALA A 252 10.15 2.80 -24.81
N PRO A 253 10.21 1.71 -24.05
CA PRO A 253 11.49 1.38 -23.38
C PRO A 253 12.63 1.10 -24.34
N SER A 254 12.38 0.50 -25.49
CA SER A 254 13.47 0.23 -26.42
CA SER A 254 13.46 0.23 -26.43
C SER A 254 14.08 1.52 -26.95
N LEU A 255 13.26 2.53 -27.23
CA LEU A 255 13.79 3.82 -27.66
C LEU A 255 14.57 4.49 -26.53
N LEU A 256 13.99 4.50 -25.33
CA LEU A 256 14.69 5.12 -24.21
C LEU A 256 16.01 4.42 -23.94
N ALA A 257 16.05 3.10 -24.10
CA ALA A 257 17.29 2.37 -23.82
C ALA A 257 18.42 2.79 -24.75
N GLN A 258 18.11 3.18 -25.97
CA GLN A 258 19.13 3.70 -26.88
C GLN A 258 19.78 4.95 -26.30
N VAL A 259 18.95 5.87 -25.81
CA VAL A 259 19.47 7.09 -25.20
C VAL A 259 20.30 6.76 -23.97
N LEU A 260 19.83 5.83 -23.14
CA LEU A 260 20.57 5.50 -21.93
C LEU A 260 21.92 4.88 -22.26
N ARG A 261 21.98 3.95 -23.23
CA ARG A 261 23.26 3.36 -23.57
C ARG A 261 24.25 4.41 -24.04
N ARG A 262 23.80 5.37 -24.85
CA ARG A 262 24.70 6.43 -25.30
C ARG A 262 25.12 7.32 -24.13
N ALA A 263 24.18 7.67 -23.26
CA ALA A 263 24.48 8.63 -22.19
C ALA A 263 25.37 8.01 -21.13
N LEU A 264 25.32 6.68 -20.98
CA LEU A 264 26.06 6.00 -19.93
C LEU A 264 27.36 5.37 -20.45
N ALA A 265 27.75 5.69 -21.68
CA ALA A 265 28.92 5.06 -22.28
C ALA A 265 30.20 5.43 -21.54
N ARG A 266 30.39 6.72 -21.27
CA ARG A 266 31.58 7.19 -20.56
C ARG A 266 31.20 8.30 -19.61
N TYR A 267 31.72 8.24 -18.39
CA TYR A 267 31.51 9.31 -17.44
C TYR A 267 32.53 9.26 -16.31
N SER B 1 -10.79 -4.36 32.20
CA SER B 1 -11.72 -3.25 32.04
C SER B 1 -11.50 -2.55 30.71
N GLY B 2 -12.57 -1.97 30.17
CA GLY B 2 -12.43 -1.20 28.94
C GLY B 2 -11.41 -0.10 29.06
N ALA B 3 -11.35 0.54 30.24
CA ALA B 3 -10.37 1.60 30.47
C ALA B 3 -8.96 1.12 30.19
N LYS B 4 -8.54 0.03 30.84
CA LYS B 4 -7.18 -0.46 30.68
C LYS B 4 -6.95 -0.97 29.26
N LEU B 5 -7.97 -1.60 28.67
CA LEU B 5 -7.86 -2.14 27.32
C LEU B 5 -7.54 -1.06 26.30
N LEU B 6 -7.94 0.21 26.55
CA LEU B 6 -7.64 1.25 25.58
C LEU B 6 -6.15 1.32 25.32
N GLN B 7 -5.34 1.08 26.35
CA GLN B 7 -3.89 1.09 26.17
C GLN B 7 -3.34 -0.29 25.80
N ILE B 8 -3.79 -1.36 26.45
CA ILE B 8 -3.28 -2.70 26.19
C ILE B 8 -3.48 -3.09 24.73
N LEU B 9 -4.65 -2.75 24.18
CA LEU B 9 -5.00 -3.09 22.81
C LEU B 9 -4.73 -1.95 21.83
N ASN B 10 -3.96 -0.93 22.24
CA ASN B 10 -3.43 0.06 21.30
C ASN B 10 -4.55 0.77 20.53
N VAL B 11 -5.60 1.18 21.25
CA VAL B 11 -6.74 1.80 20.58
C VAL B 11 -6.32 3.14 20.00
N ARG B 12 -6.75 3.41 18.77
CA ARG B 12 -6.52 4.68 18.13
CA ARG B 12 -6.51 4.67 18.07
C ARG B 12 -7.83 5.18 17.52
N VAL B 13 -8.03 6.48 17.57
CA VAL B 13 -9.22 7.11 17.00
C VAL B 13 -8.77 8.20 16.05
N VAL B 14 -9.18 8.10 14.79
CA VAL B 14 -8.73 9.02 13.74
C VAL B 14 -9.94 9.43 12.90
N GLY B 15 -9.73 10.35 11.98
CA GLY B 15 -10.79 10.75 11.09
C GLY B 15 -11.58 11.92 11.62
N SER B 16 -12.70 12.18 10.97
CA SER B 16 -13.48 13.38 11.24
C SER B 16 -14.96 13.04 11.38
N GLY B 17 -15.67 13.90 12.09
CA GLY B 17 -17.11 13.80 12.17
C GLY B 17 -17.58 12.89 13.31
N GLU B 18 -18.85 12.52 13.21
CA GLU B 18 -19.53 11.75 14.24
C GLU B 18 -19.96 10.37 13.78
N ARG B 19 -19.76 10.01 12.52
CA ARG B 19 -20.17 8.70 12.01
C ARG B 19 -19.05 7.71 12.31
N VAL B 20 -19.25 6.86 13.29
CA VAL B 20 -18.18 6.04 13.86
C VAL B 20 -18.13 4.70 13.16
N VAL B 21 -16.93 4.30 12.74
N VAL B 21 -16.93 4.30 12.74
CA VAL B 21 -16.69 2.98 12.17
CA VAL B 21 -16.69 2.98 12.17
C VAL B 21 -15.52 2.35 12.90
C VAL B 21 -15.52 2.35 12.90
N VAL B 22 -15.68 1.10 13.30
CA VAL B 22 -14.64 0.34 13.97
C VAL B 22 -14.03 -0.59 12.92
N LEU B 23 -12.69 -0.62 12.86
CA LEU B 23 -11.97 -1.57 12.01
C LEU B 23 -11.30 -2.59 12.92
N SER B 24 -11.62 -3.87 12.73
CA SER B 24 -11.16 -4.95 13.61
C SER B 24 -10.47 -5.98 12.74
N HIS B 25 -9.16 -6.17 12.95
CA HIS B 25 -8.33 -6.97 12.08
C HIS B 25 -8.49 -8.47 12.31
N GLY B 26 -7.91 -9.25 11.40
CA GLY B 26 -8.02 -10.68 11.40
C GLY B 26 -6.77 -11.38 11.88
N PHE B 27 -6.79 -12.70 11.74
CA PHE B 27 -5.68 -13.54 12.18
C PHE B 27 -4.39 -13.19 11.44
N GLY B 28 -3.30 -13.10 12.19
CA GLY B 28 -1.98 -12.93 11.62
C GLY B 28 -1.60 -11.50 11.31
N THR B 29 -2.45 -10.53 11.63
CA THR B 29 -2.22 -9.12 11.38
CA THR B 29 -2.07 -9.15 11.42
C THR B 29 -2.36 -8.36 12.69
N ASP B 30 -2.13 -7.06 12.63
CA ASP B 30 -2.53 -6.13 13.68
C ASP B 30 -3.28 -5.00 12.99
N GLN B 31 -3.55 -3.91 13.70
CA GLN B 31 -4.35 -2.85 13.09
C GLN B 31 -3.63 -2.18 11.92
N SER B 32 -2.31 -2.34 11.80
CA SER B 32 -1.60 -1.79 10.65
C SER B 32 -2.07 -2.38 9.33
N ALA B 33 -2.75 -3.52 9.34
CA ALA B 33 -3.29 -4.06 8.08
C ALA B 33 -4.30 -3.12 7.47
N TRP B 34 -4.90 -2.23 8.25
CA TRP B 34 -5.86 -1.27 7.72
C TRP B 34 -5.20 -0.02 7.16
N SER B 35 -3.87 0.08 7.24
CA SER B 35 -3.20 1.34 6.92
C SER B 35 -3.50 1.79 5.49
N ARG B 36 -3.52 0.86 4.54
CA ARG B 36 -3.67 1.23 3.14
C ARG B 36 -5.08 1.68 2.79
N VAL B 37 -6.10 1.13 3.46
CA VAL B 37 -7.45 1.55 3.18
CA VAL B 37 -7.48 1.53 3.20
C VAL B 37 -7.87 2.75 4.03
N LEU B 38 -7.24 2.96 5.18
CA LEU B 38 -7.66 3.99 6.14
C LEU B 38 -7.88 5.36 5.52
N PRO B 39 -6.99 5.91 4.68
CA PRO B 39 -7.21 7.27 4.16
C PRO B 39 -8.41 7.38 3.23
N TYR B 40 -8.96 6.28 2.76
CA TYR B 40 -10.20 6.34 1.99
C TYR B 40 -11.42 6.57 2.88
N LEU B 41 -11.26 6.50 4.20
CA LEU B 41 -12.37 6.65 5.13
C LEU B 41 -12.28 7.90 6.00
N THR B 42 -11.07 8.40 6.27
CA THR B 42 -10.90 9.34 7.36
C THR B 42 -11.37 10.75 7.04
N ARG B 43 -11.66 11.07 5.77
CA ARG B 43 -12.17 12.41 5.47
C ARG B 43 -13.57 12.62 6.03
N ASP B 44 -14.37 11.56 6.10
CA ASP B 44 -15.76 11.71 6.50
C ASP B 44 -16.28 10.60 7.41
N HIS B 45 -15.40 9.84 8.04
CA HIS B 45 -15.77 8.91 9.09
C HIS B 45 -14.81 9.07 10.26
N ARG B 46 -15.32 8.82 11.47
CA ARG B 46 -14.51 8.74 12.68
C ARG B 46 -14.18 7.28 12.88
N VAL B 47 -12.91 6.92 12.78
CA VAL B 47 -12.48 5.53 12.69
C VAL B 47 -11.80 5.11 13.99
N VAL B 48 -12.27 4.01 14.56
CA VAL B 48 -11.67 3.42 15.76
C VAL B 48 -10.92 2.16 15.31
N LEU B 49 -9.64 2.10 15.63
CA LEU B 49 -8.83 0.92 15.37
C LEU B 49 -8.31 0.36 16.68
N TYR B 50 -8.05 -0.94 16.71
CA TYR B 50 -7.47 -1.56 17.89
C TYR B 50 -6.85 -2.89 17.48
N ASP B 51 -6.00 -3.42 18.35
CA ASP B 51 -5.40 -4.73 18.15
C ASP B 51 -6.14 -5.78 18.96
N LEU B 52 -6.44 -6.91 18.34
CA LEU B 52 -6.87 -8.05 19.13
C LEU B 52 -5.76 -8.45 20.08
N VAL B 53 -6.14 -9.07 21.21
CA VAL B 53 -5.16 -9.43 22.22
C VAL B 53 -4.08 -10.36 21.68
N CYS B 54 -4.37 -11.11 20.63
CA CYS B 54 -3.40 -12.05 20.08
C CYS B 54 -2.40 -11.41 19.13
N ALA B 55 -2.54 -10.12 18.82
CA ALA B 55 -1.61 -9.50 17.89
C ALA B 55 -0.22 -9.40 18.51
N GLY B 56 0.80 -9.52 17.66
CA GLY B 56 2.18 -9.40 18.14
C GLY B 56 2.50 -8.05 18.74
N SER B 57 1.76 -7.02 18.36
CA SER B 57 1.93 -5.68 18.88
C SER B 57 1.31 -5.47 20.26
N VAL B 58 0.65 -6.48 20.82
CA VAL B 58 0.14 -6.47 22.18
C VAL B 58 1.11 -7.28 23.03
N ASN B 59 1.41 -6.79 24.22
CA ASN B 59 2.34 -7.51 25.09
C ASN B 59 1.83 -8.94 25.29
N PRO B 60 2.62 -9.96 24.96
CA PRO B 60 2.15 -11.34 25.07
C PRO B 60 1.85 -11.76 26.50
N ASP B 61 2.36 -11.02 27.49
CA ASP B 61 2.02 -11.34 28.86
C ASP B 61 0.55 -11.11 29.16
N HIS B 62 -0.16 -10.34 28.32
CA HIS B 62 -1.58 -10.15 28.53
C HIS B 62 -2.42 -11.31 27.98
N PHE B 63 -1.83 -12.20 27.19
CA PHE B 63 -2.64 -13.26 26.60
C PHE B 63 -3.03 -14.30 27.66
N ASP B 64 -4.33 -14.50 27.84
CA ASP B 64 -4.88 -15.42 28.82
C ASP B 64 -5.37 -16.65 28.06
N PHE B 65 -4.64 -17.75 28.19
CA PHE B 65 -4.97 -18.96 27.43
C PHE B 65 -6.28 -19.60 27.87
N ARG B 66 -6.76 -19.28 29.06
N ARG B 66 -6.77 -19.28 29.06
CA ARG B 66 -8.07 -19.75 29.49
CA ARG B 66 -8.09 -19.77 29.45
C ARG B 66 -9.17 -18.89 28.87
C ARG B 66 -9.19 -18.89 28.86
N ARG B 67 -9.17 -17.60 29.19
CA ARG B 67 -10.27 -16.73 28.79
CA ARG B 67 -10.25 -16.70 28.78
C ARG B 67 -10.43 -16.71 27.27
N TYR B 68 -9.33 -16.65 26.52
CA TYR B 68 -9.42 -16.46 25.09
C TYR B 68 -9.54 -17.75 24.30
N ASP B 69 -9.88 -18.85 24.96
CA ASP B 69 -10.18 -20.07 24.23
C ASP B 69 -11.60 -20.09 23.67
N ASN B 70 -12.29 -18.97 23.74
CA ASN B 70 -13.62 -18.81 23.17
CA ASN B 70 -13.59 -18.83 23.10
C ASN B 70 -13.70 -17.40 22.60
N LEU B 71 -14.34 -17.25 21.45
CA LEU B 71 -14.44 -15.92 20.85
C LEU B 71 -15.24 -14.94 21.69
N ASP B 72 -16.09 -15.42 22.61
CA ASP B 72 -16.84 -14.49 23.47
C ASP B 72 -15.92 -13.54 24.22
N ALA B 73 -14.71 -13.99 24.58
CA ALA B 73 -13.79 -13.13 25.32
C ALA B 73 -13.25 -12.00 24.45
N TYR B 74 -13.04 -12.27 23.17
CA TYR B 74 -12.65 -11.19 22.26
C TYR B 74 -13.80 -10.21 22.09
N VAL B 75 -15.03 -10.71 22.04
CA VAL B 75 -16.21 -9.84 22.02
C VAL B 75 -16.21 -8.93 23.25
N ASP B 76 -15.94 -9.50 24.42
CA ASP B 76 -15.95 -8.68 25.64
C ASP B 76 -14.98 -7.51 25.52
N ASP B 77 -13.80 -7.76 24.95
CA ASP B 77 -12.81 -6.69 24.81
C ASP B 77 -13.31 -5.59 23.89
N LEU B 78 -13.89 -5.96 22.75
CA LEU B 78 -14.42 -4.98 21.81
C LEU B 78 -15.49 -4.13 22.48
N LEU B 79 -16.45 -4.77 23.15
CA LEU B 79 -17.53 -4.03 23.80
C LEU B 79 -17.00 -3.12 24.89
N ALA B 80 -16.00 -3.58 25.63
CA ALA B 80 -15.45 -2.76 26.70
C ALA B 80 -14.75 -1.52 26.15
N ILE B 81 -14.07 -1.66 25.01
CA ILE B 81 -13.46 -0.49 24.36
C ILE B 81 -14.53 0.51 23.94
N LEU B 82 -15.58 0.02 23.28
CA LEU B 82 -16.61 0.92 22.78
C LEU B 82 -17.32 1.63 23.93
N ASP B 83 -17.58 0.90 25.01
CA ASP B 83 -18.22 1.49 26.18
C ASP B 83 -17.29 2.50 26.85
N ALA B 84 -15.98 2.22 26.92
CA ALA B 84 -15.06 3.17 27.53
C ALA B 84 -15.00 4.45 26.73
N LEU B 85 -15.01 4.33 25.39
CA LEU B 85 -15.01 5.48 24.51
C LEU B 85 -16.34 6.22 24.48
N ARG B 86 -17.36 5.67 25.14
CA ARG B 86 -18.69 6.29 25.21
C ARG B 86 -19.34 6.38 23.82
N ILE B 87 -19.13 5.34 23.02
CA ILE B 87 -19.69 5.25 21.67
C ILE B 87 -20.99 4.45 21.77
N PRO B 88 -22.15 5.06 21.52
CA PRO B 88 -23.41 4.31 21.64
C PRO B 88 -23.86 3.61 20.36
N ARG B 89 -23.26 3.95 19.21
CA ARG B 89 -23.66 3.32 17.96
CA ARG B 89 -23.68 3.38 17.94
C ARG B 89 -22.53 3.46 16.96
N CYS B 90 -22.31 2.40 16.18
CA CYS B 90 -21.21 2.41 15.21
C CYS B 90 -21.51 1.43 14.08
N ALA B 91 -20.75 1.57 13.00
CA ALA B 91 -20.62 0.51 12.03
C ALA B 91 -19.34 -0.26 12.37
N PHE B 92 -19.32 -1.55 12.05
CA PHE B 92 -18.20 -2.41 12.39
C PHE B 92 -17.73 -3.14 11.15
N VAL B 93 -16.44 -3.07 10.87
CA VAL B 93 -15.81 -3.79 9.76
C VAL B 93 -14.87 -4.80 10.38
N GLY B 94 -15.10 -6.08 10.11
CA GLY B 94 -14.26 -7.14 10.66
C GLY B 94 -13.74 -8.07 9.61
N HIS B 95 -12.44 -8.38 9.70
CA HIS B 95 -11.80 -9.36 8.84
C HIS B 95 -11.60 -10.67 9.60
N SER B 96 -11.91 -11.79 8.94
CA SER B 96 -11.46 -13.11 9.43
C SER B 96 -12.09 -13.35 10.81
N VAL B 97 -11.30 -13.70 11.82
CA VAL B 97 -11.82 -13.89 13.18
C VAL B 97 -12.65 -12.70 13.64
N SER B 98 -12.33 -11.48 13.18
CA SER B 98 -13.11 -10.33 13.59
C SER B 98 -14.49 -10.27 12.95
N ALA B 99 -14.70 -10.94 11.82
CA ALA B 99 -16.06 -11.06 11.31
C ALA B 99 -16.91 -11.91 12.27
N MET B 100 -16.31 -12.97 12.82
CA MET B 100 -17.01 -13.77 13.82
C MET B 100 -17.25 -12.97 15.09
N ILE B 101 -16.24 -12.21 15.52
CA ILE B 101 -16.40 -11.34 16.68
C ILE B 101 -17.55 -10.36 16.46
N GLY B 102 -17.61 -9.76 15.28
CA GLY B 102 -18.66 -8.78 15.02
C GLY B 102 -20.05 -9.37 15.02
N ILE B 103 -20.20 -10.56 14.44
CA ILE B 103 -21.48 -11.27 14.50
C ILE B 103 -21.91 -11.45 15.96
N LEU B 104 -21.01 -12.00 16.78
CA LEU B 104 -21.32 -12.23 18.18
C LEU B 104 -21.58 -10.92 18.94
N ALA B 105 -20.80 -9.88 18.65
CA ALA B 105 -20.97 -8.62 19.35
C ALA B 105 -22.33 -7.99 19.02
N SER B 106 -22.78 -8.13 17.77
CA SER B 106 -24.06 -7.56 17.37
C SER B 106 -25.25 -8.29 17.99
N ILE B 107 -25.04 -9.53 18.43
CA ILE B 107 -26.07 -10.24 19.18
C ILE B 107 -26.03 -9.83 20.66
N ARG B 108 -24.82 -9.66 21.20
CA ARG B 108 -24.68 -9.25 22.60
C ARG B 108 -25.22 -7.86 22.83
N ARG B 109 -25.02 -6.95 21.88
CA ARG B 109 -25.37 -5.54 22.05
C ARG B 109 -26.00 -5.02 20.76
N PRO B 110 -27.24 -5.42 20.48
CA PRO B 110 -27.83 -5.06 19.18
CA PRO B 110 -27.84 -5.07 19.18
C PRO B 110 -27.98 -3.58 18.93
N ASP B 111 -28.12 -2.76 19.97
CA ASP B 111 -28.29 -1.34 19.71
C ASP B 111 -26.99 -0.63 19.40
N LEU B 112 -25.85 -1.28 19.66
CA LEU B 112 -24.54 -0.68 19.44
C LEU B 112 -24.10 -0.77 17.98
N PHE B 113 -24.59 -1.76 17.23
CA PHE B 113 -24.07 -2.02 15.89
C PHE B 113 -25.12 -1.71 14.83
N ALA B 114 -24.92 -0.61 14.12
CA ALA B 114 -25.83 -0.18 13.08
C ALA B 114 -25.65 -0.94 11.78
N LYS B 115 -24.45 -1.46 11.53
CA LYS B 115 -24.16 -2.17 10.30
C LYS B 115 -22.90 -2.96 10.51
N LEU B 116 -22.84 -4.16 9.93
CA LEU B 116 -21.63 -4.98 9.90
C LEU B 116 -21.13 -5.12 8.47
N VAL B 117 -19.82 -5.00 8.30
CA VAL B 117 -19.15 -5.34 7.05
C VAL B 117 -18.18 -6.46 7.36
N LEU B 118 -18.35 -7.60 6.70
CA LEU B 118 -17.63 -8.83 7.02
C LEU B 118 -16.74 -9.20 5.85
N ILE B 119 -15.44 -9.28 6.09
CA ILE B 119 -14.44 -9.54 5.06
C ILE B 119 -13.74 -10.85 5.40
N GLY B 120 -13.51 -11.70 4.39
CA GLY B 120 -12.90 -13.00 4.63
C GLY B 120 -13.65 -13.81 5.68
N ALA B 121 -14.97 -13.85 5.58
CA ALA B 121 -15.85 -14.20 6.68
C ALA B 121 -16.47 -15.59 6.51
N SER B 122 -16.50 -16.34 7.61
CA SER B 122 -17.15 -17.64 7.62
C SER B 122 -17.76 -17.89 8.99
N PRO B 123 -18.93 -18.53 9.06
CA PRO B 123 -19.49 -18.94 10.36
C PRO B 123 -18.95 -20.27 10.84
N ARG B 124 -18.25 -21.02 9.99
CA ARG B 124 -17.75 -22.35 10.32
C ARG B 124 -16.82 -22.84 9.23
N PHE B 125 -15.59 -23.20 9.60
CA PHE B 125 -14.64 -23.66 8.60
C PHE B 125 -14.72 -25.16 8.35
N LEU B 126 -15.12 -25.93 9.35
CA LEU B 126 -15.23 -27.38 9.22
CA LEU B 126 -15.21 -27.37 9.20
C LEU B 126 -16.43 -27.75 8.37
N ASN B 127 -16.23 -28.71 7.46
CA ASN B 127 -17.37 -29.18 6.69
C ASN B 127 -18.38 -29.89 7.60
N ASP B 128 -19.62 -29.92 7.14
N ASP B 128 -19.62 -29.97 7.13
CA ASP B 128 -20.70 -30.64 7.80
CA ASP B 128 -20.67 -30.63 7.93
C ASP B 128 -21.62 -31.18 6.72
C ASP B 128 -21.80 -31.01 6.97
N SER B 129 -22.66 -31.89 7.14
N SER B 129 -21.71 -32.21 6.39
CA SER B 129 -23.62 -32.43 6.18
CA SER B 129 -22.73 -32.77 5.51
C SER B 129 -24.22 -31.31 5.34
C SER B 129 -23.02 -31.79 4.39
N ASP B 130 -23.96 -31.37 4.03
N ASP B 130 -24.24 -31.26 4.25
CA ASP B 130 -24.42 -30.39 3.05
CA ASP B 130 -24.58 -30.33 3.19
C ASP B 130 -23.71 -29.05 3.18
C ASP B 130 -24.09 -28.92 3.49
N TYR B 131 -23.04 -28.81 4.30
CA TYR B 131 -22.39 -27.54 4.57
C TYR B 131 -20.91 -27.65 4.19
N HIS B 132 -20.51 -26.86 3.20
CA HIS B 132 -19.11 -26.83 2.76
C HIS B 132 -18.44 -25.61 3.38
N GLY B 133 -17.62 -25.86 4.39
CA GLY B 133 -16.87 -24.81 5.06
C GLY B 133 -15.46 -24.68 4.53
N GLY B 134 -14.97 -25.75 3.90
CA GLY B 134 -13.68 -25.76 3.24
C GLY B 134 -12.65 -26.67 3.85
N PHE B 135 -12.92 -27.25 5.03
CA PHE B 135 -11.91 -28.02 5.73
C PHE B 135 -12.51 -29.25 6.36
N GLU B 136 -11.77 -30.36 6.28
CA GLU B 136 -12.02 -31.55 7.08
C GLU B 136 -11.20 -31.48 8.36
N LEU B 137 -11.62 -32.29 9.34
CA LEU B 137 -10.94 -32.32 10.63
C LEU B 137 -9.46 -32.59 10.47
N GLU B 138 -9.12 -33.54 9.60
N GLU B 138 -9.10 -33.55 9.62
CA GLU B 138 -7.73 -33.94 9.41
CA GLU B 138 -7.69 -33.89 9.46
C GLU B 138 -6.92 -32.82 8.75
C GLU B 138 -6.91 -32.77 8.78
N GLU B 139 -7.56 -32.00 7.90
CA GLU B 139 -6.88 -30.85 7.31
C GLU B 139 -6.56 -29.81 8.36
N ILE B 140 -7.51 -29.55 9.25
CA ILE B 140 -7.28 -28.62 10.37
C ILE B 140 -6.15 -29.13 11.26
N GLN B 141 -6.16 -30.43 11.56
CA GLN B 141 -5.11 -30.97 12.42
C GLN B 141 -3.73 -30.79 11.80
N GLN B 142 -3.61 -30.96 10.48
CA GLN B 142 -2.30 -30.79 9.87
C GLN B 142 -1.81 -29.34 9.93
N VAL B 143 -2.74 -28.38 9.86
CA VAL B 143 -2.35 -26.98 10.08
C VAL B 143 -1.75 -26.82 11.47
N PHE B 144 -2.44 -27.34 12.49
CA PHE B 144 -1.93 -27.24 13.85
C PHE B 144 -0.57 -27.91 13.98
N ASP B 145 -0.41 -29.08 13.37
CA ASP B 145 0.86 -29.80 13.46
C ASP B 145 1.99 -29.00 12.84
N ALA B 146 1.75 -28.40 11.67
CA ALA B 146 2.79 -27.62 11.02
C ALA B 146 3.13 -26.37 11.82
N MET B 147 2.11 -25.69 12.35
CA MET B 147 2.34 -24.48 13.15
C MET B 147 3.16 -24.80 14.39
N GLY B 148 2.92 -25.95 14.99
CA GLY B 148 3.67 -26.34 16.18
C GLY B 148 5.07 -26.85 15.87
N ALA B 149 5.24 -27.53 14.72
CA ALA B 149 6.52 -28.15 14.42
C ALA B 149 7.55 -27.15 13.91
N ASN B 150 7.13 -26.19 13.08
CA ASN B 150 8.06 -25.23 12.49
C ASN B 150 7.26 -24.00 12.12
N TYR B 151 7.04 -23.12 13.09
CA TYR B 151 6.17 -21.97 12.85
C TYR B 151 6.70 -21.09 11.72
N SER B 152 8.01 -20.85 11.71
CA SER B 152 8.61 -20.00 10.68
C SER B 152 8.37 -20.55 9.29
N ALA B 153 8.58 -21.85 9.10
CA ALA B 153 8.35 -22.46 7.79
C ALA B 153 6.87 -22.44 7.44
N TRP B 154 6.00 -22.72 8.42
CA TRP B 154 4.56 -22.67 8.16
C TRP B 154 4.14 -21.27 7.73
N ALA B 155 4.60 -20.25 8.45
CA ALA B 155 4.23 -18.88 8.12
C ALA B 155 4.74 -18.46 6.74
N THR B 156 5.95 -18.91 6.38
CA THR B 156 6.51 -18.60 5.06
C THR B 156 5.66 -19.20 3.96
N GLY B 157 5.17 -20.42 4.16
CA GLY B 157 4.28 -21.01 3.17
C GLY B 157 2.89 -20.41 3.16
N TYR B 158 2.38 -20.02 4.34
CA TYR B 158 1.00 -19.59 4.42
C TYR B 158 0.81 -18.19 3.84
N ALA B 159 1.75 -17.29 4.09
CA ALA B 159 1.59 -15.90 3.68
C ALA B 159 1.21 -15.71 2.22
N PRO B 160 1.91 -16.31 1.23
CA PRO B 160 1.47 -16.14 -0.16
C PRO B 160 0.14 -16.80 -0.44
N LEU B 161 -0.17 -17.90 0.25
CA LEU B 161 -1.47 -18.52 0.02
C LEU B 161 -2.60 -17.62 0.51
N ALA B 162 -2.42 -17.00 1.67
CA ALA B 162 -3.45 -16.12 2.21
C ALA B 162 -3.62 -14.88 1.35
N VAL B 163 -2.50 -14.28 0.92
CA VAL B 163 -2.60 -13.11 0.07
C VAL B 163 -3.24 -13.47 -1.27
N GLY B 164 -2.89 -14.64 -1.81
CA GLY B 164 -3.54 -15.13 -3.02
C GLY B 164 -3.00 -14.50 -4.28
N ALA B 165 -3.27 -13.22 -4.46
CA ALA B 165 -2.77 -12.48 -5.61
C ALA B 165 -1.27 -12.24 -5.52
N ASP B 166 -0.66 -12.00 -6.69
CA ASP B 166 0.77 -11.69 -6.79
C ASP B 166 0.95 -10.21 -6.45
N VAL B 167 1.01 -9.93 -5.15
CA VAL B 167 1.22 -8.57 -4.66
C VAL B 167 2.33 -8.62 -3.62
N PRO B 168 3.58 -8.39 -4.00
CA PRO B 168 4.69 -8.69 -3.07
C PRO B 168 4.66 -7.93 -1.77
N ALA B 169 4.27 -6.66 -1.78
CA ALA B 169 4.24 -5.90 -0.53
C ALA B 169 3.19 -6.43 0.43
N ALA B 170 2.09 -7.00 -0.10
CA ALA B 170 1.09 -7.61 0.76
C ALA B 170 1.62 -8.88 1.39
N VAL B 171 2.33 -9.71 0.63
CA VAL B 171 2.97 -10.88 1.21
C VAL B 171 3.96 -10.46 2.29
N GLN B 172 4.79 -9.45 2.00
CA GLN B 172 5.77 -9.02 3.00
CA GLN B 172 5.77 -8.99 2.98
C GLN B 172 5.10 -8.46 4.25
N GLU B 173 4.06 -7.65 4.08
CA GLU B 173 3.39 -7.04 5.23
C GLU B 173 2.64 -8.08 6.06
N PHE B 174 1.93 -9.01 5.41
CA PHE B 174 1.27 -10.07 6.16
C PHE B 174 2.31 -10.95 6.86
N SER B 175 3.38 -11.31 6.16
CA SER B 175 4.44 -12.11 6.77
CA SER B 175 4.45 -12.10 6.76
C SER B 175 5.01 -11.41 8.00
N ARG B 176 5.22 -10.09 7.93
CA ARG B 176 5.80 -9.38 9.06
C ARG B 176 4.95 -9.53 10.30
N THR B 177 3.64 -9.31 10.18
CA THR B 177 2.80 -9.42 11.37
C THR B 177 2.60 -10.87 11.78
N LEU B 178 2.62 -11.81 10.83
CA LEU B 178 2.51 -13.21 11.21
C LEU B 178 3.74 -13.65 12.02
N PHE B 179 4.92 -13.22 11.60
CA PHE B 179 6.14 -13.52 12.34
C PHE B 179 6.21 -12.76 13.66
N ASN B 180 5.47 -11.67 13.78
CA ASN B 180 5.47 -10.91 15.02
CA ASN B 180 5.45 -10.90 15.01
C ASN B 180 4.63 -11.58 16.10
N MET B 181 3.71 -12.44 15.74
CA MET B 181 2.93 -13.15 16.74
C MET B 181 3.78 -14.21 17.41
N ARG B 182 3.56 -14.43 18.69
CA ARG B 182 4.26 -15.53 19.35
C ARG B 182 3.70 -16.86 18.86
N PRO B 183 4.54 -17.81 18.49
CA PRO B 183 4.02 -19.03 17.82
C PRO B 183 2.95 -19.76 18.60
N ASP B 184 3.06 -19.83 19.93
CA ASP B 184 2.05 -20.54 20.71
C ASP B 184 0.73 -19.78 20.73
N ILE B 185 0.78 -18.45 20.79
CA ILE B 185 -0.44 -17.65 20.73
C ILE B 185 -1.12 -17.81 19.36
N SER B 186 -0.32 -17.78 18.29
CA SER B 186 -0.87 -17.96 16.95
CA SER B 186 -0.87 -17.94 16.96
C SER B 186 -1.60 -19.28 16.83
N LEU B 187 -0.99 -20.36 17.32
CA LEU B 187 -1.63 -21.67 17.25
C LEU B 187 -2.92 -21.68 18.05
N HIS B 188 -2.90 -21.08 19.24
CA HIS B 188 -4.08 -21.05 20.10
C HIS B 188 -5.25 -20.32 19.43
N VAL B 189 -5.00 -19.17 18.81
CA VAL B 189 -6.06 -18.44 18.11
CA VAL B 189 -6.12 -18.49 18.18
C VAL B 189 -6.62 -19.27 16.97
N CYS B 190 -5.72 -19.92 16.23
CA CYS B 190 -6.14 -20.76 15.12
CA CYS B 190 -6.13 -20.77 15.12
C CYS B 190 -7.04 -21.89 15.59
N GLN B 191 -6.66 -22.57 16.69
CA GLN B 191 -7.52 -23.60 17.25
C GLN B 191 -8.86 -23.03 17.68
N THR B 192 -8.85 -21.84 18.27
CA THR B 192 -10.11 -21.24 18.73
C THR B 192 -11.03 -20.93 17.57
N VAL B 193 -10.47 -20.37 16.50
CA VAL B 193 -11.28 -20.04 15.31
C VAL B 193 -11.86 -21.30 14.69
N PHE B 194 -11.03 -22.33 14.51
CA PHE B 194 -11.46 -23.54 13.80
C PHE B 194 -12.50 -24.34 14.58
N LYS B 195 -12.59 -24.16 15.90
CA LYS B 195 -13.60 -24.87 16.67
C LYS B 195 -14.91 -24.08 16.80
N THR B 196 -14.97 -22.88 16.26
CA THR B 196 -16.15 -22.02 16.38
C THR B 196 -17.16 -22.36 15.28
N ASP B 197 -18.43 -22.42 15.66
CA ASP B 197 -19.53 -22.66 14.73
C ASP B 197 -20.64 -21.68 15.10
N LEU B 198 -20.81 -20.64 14.28
CA LEU B 198 -21.81 -19.61 14.51
C LEU B 198 -23.08 -19.83 13.71
N ARG B 199 -23.21 -20.94 12.99
CA ARG B 199 -24.35 -21.10 12.09
C ARG B 199 -25.67 -20.95 12.82
N GLY B 200 -25.74 -21.46 14.05
CA GLY B 200 -26.97 -21.45 14.81
C GLY B 200 -27.39 -20.09 15.35
N VAL B 201 -26.51 -19.10 15.34
CA VAL B 201 -26.84 -17.77 15.85
C VAL B 201 -26.92 -16.71 14.77
N LEU B 202 -26.63 -17.05 13.51
CA LEU B 202 -26.66 -16.05 12.46
C LEU B 202 -28.01 -15.34 12.38
N GLY B 203 -29.11 -16.08 12.59
CA GLY B 203 -30.42 -15.48 12.54
C GLY B 203 -30.69 -14.47 13.63
N MET B 204 -29.86 -14.44 14.67
CA MET B 204 -30.05 -13.49 15.75
CA MET B 204 -30.01 -13.51 15.77
C MET B 204 -29.37 -12.15 15.50
N VAL B 205 -28.59 -12.03 14.43
CA VAL B 205 -28.04 -10.74 14.03
C VAL B 205 -29.18 -9.89 13.49
N ARG B 206 -29.33 -8.69 14.04
CA ARG B 206 -30.38 -7.78 13.58
C ARG B 206 -29.87 -6.73 12.61
N ALA B 207 -28.58 -6.40 12.67
CA ALA B 207 -28.05 -5.31 11.88
C ALA B 207 -27.99 -5.69 10.40
N PRO B 208 -28.14 -4.72 9.51
CA PRO B 208 -27.85 -4.98 8.09
C PRO B 208 -26.37 -5.30 7.93
N CYS B 209 -26.07 -6.11 6.94
CA CYS B 209 -24.72 -6.65 6.77
CA CYS B 209 -24.72 -6.63 6.78
C CYS B 209 -24.29 -6.57 5.31
N VAL B 210 -23.01 -6.29 5.10
CA VAL B 210 -22.37 -6.45 3.79
C VAL B 210 -21.30 -7.51 3.95
N VAL B 211 -21.35 -8.55 3.12
CA VAL B 211 -20.35 -9.60 3.09
C VAL B 211 -19.46 -9.34 1.88
N VAL B 212 -18.16 -9.17 2.10
CA VAL B 212 -17.22 -8.89 1.03
C VAL B 212 -16.59 -10.20 0.56
N GLN B 213 -16.71 -10.44 -0.75
N GLN B 213 -16.76 -10.54 -0.71
CA GLN B 213 -16.30 -11.67 -1.43
CA GLN B 213 -16.18 -11.79 -1.19
C GLN B 213 -15.19 -11.34 -2.41
C GLN B 213 -15.32 -11.55 -2.42
N THR B 214 -14.11 -12.11 -2.38
CA THR B 214 -13.14 -12.04 -3.46
C THR B 214 -13.34 -13.23 -4.39
N THR B 215 -12.55 -13.29 -5.47
CA THR B 215 -12.72 -14.34 -6.45
C THR B 215 -12.27 -15.70 -5.92
N ARG B 216 -11.39 -15.70 -4.93
CA ARG B 216 -10.89 -16.94 -4.36
C ARG B 216 -10.23 -16.61 -3.02
N ASP B 217 -10.62 -17.34 -1.98
CA ASP B 217 -10.12 -17.17 -0.63
C ASP B 217 -9.78 -18.55 -0.10
N VAL B 218 -8.52 -18.74 0.29
CA VAL B 218 -8.03 -20.04 0.70
C VAL B 218 -8.79 -20.60 1.90
N SER B 219 -9.38 -19.74 2.72
CA SER B 219 -10.08 -20.20 3.92
C SER B 219 -11.60 -20.12 3.80
N VAL B 220 -12.13 -19.57 2.72
CA VAL B 220 -13.56 -19.32 2.62
C VAL B 220 -14.07 -19.68 1.21
N PRO B 221 -14.75 -20.82 1.05
CA PRO B 221 -15.36 -21.14 -0.25
C PRO B 221 -16.37 -20.07 -0.64
N ALA B 222 -16.51 -19.87 -1.95
CA ALA B 222 -17.42 -18.85 -2.46
C ALA B 222 -18.84 -19.03 -1.95
N SER B 223 -19.28 -20.28 -1.77
CA SER B 223 -20.65 -20.52 -1.32
C SER B 223 -20.89 -20.11 0.13
N VAL B 224 -19.84 -19.87 0.92
CA VAL B 224 -20.03 -19.44 2.30
C VAL B 224 -20.66 -18.05 2.35
N ALA B 225 -20.27 -17.16 1.43
CA ALA B 225 -20.89 -15.84 1.39
C ALA B 225 -22.38 -15.96 1.14
N ALA B 226 -22.78 -16.87 0.24
CA ALA B 226 -24.19 -17.11 -0.02
C ALA B 226 -24.90 -17.68 1.21
N TYR B 227 -24.22 -18.57 1.94
CA TYR B 227 -24.78 -19.09 3.18
C TYR B 227 -25.01 -17.97 4.21
N LEU B 228 -24.02 -17.08 4.38
CA LEU B 228 -24.20 -15.96 5.30
C LEU B 228 -25.40 -15.11 4.88
N LYS B 229 -25.52 -14.82 3.59
CA LYS B 229 -26.66 -14.04 3.11
C LYS B 229 -27.97 -14.77 3.39
N ALA B 230 -27.96 -16.10 3.26
CA ALA B 230 -29.19 -16.87 3.45
C ALA B 230 -29.63 -16.92 4.90
N HIS B 231 -28.70 -16.76 5.86
CA HIS B 231 -29.00 -17.04 7.26
C HIS B 231 -28.85 -15.88 8.23
N LEU B 232 -28.12 -14.83 7.86
CA LEU B 232 -28.04 -13.66 8.73
C LEU B 232 -29.41 -13.02 8.90
N GLY B 233 -29.71 -12.55 10.11
CA GLY B 233 -31.04 -12.05 10.38
C GLY B 233 -31.35 -10.65 9.91
N GLY B 234 -30.35 -9.86 9.53
CA GLY B 234 -30.58 -8.55 8.97
C GLY B 234 -30.45 -8.58 7.45
N ARG B 235 -30.85 -7.47 6.81
CA ARG B 235 -30.70 -7.34 5.37
CA ARG B 235 -30.71 -7.35 5.37
C ARG B 235 -29.24 -7.47 5.00
N THR B 236 -28.91 -8.42 4.12
CA THR B 236 -27.52 -8.72 3.78
C THR B 236 -27.32 -8.65 2.28
N THR B 237 -26.24 -7.97 1.87
CA THR B 237 -25.80 -7.92 0.49
C THR B 237 -24.38 -8.46 0.41
N VAL B 238 -24.10 -9.29 -0.61
CA VAL B 238 -22.74 -9.69 -0.90
C VAL B 238 -22.16 -8.74 -1.94
N GLU B 239 -21.00 -8.16 -1.63
CA GLU B 239 -20.26 -7.30 -2.54
C GLU B 239 -19.03 -8.04 -3.04
N PHE B 240 -18.74 -7.88 -4.32
CA PHE B 240 -17.71 -8.65 -4.99
C PHE B 240 -16.55 -7.75 -5.39
N LEU B 241 -15.35 -8.19 -5.04
CA LEU B 241 -14.13 -7.54 -5.49
C LEU B 241 -13.53 -8.41 -6.59
N GLN B 242 -13.18 -7.79 -7.71
CA GLN B 242 -12.52 -8.51 -8.80
CA GLN B 242 -12.52 -8.49 -8.81
C GLN B 242 -11.02 -8.58 -8.49
N THR B 243 -10.73 -9.39 -7.48
CA THR B 243 -9.37 -9.62 -7.01
C THR B 243 -9.39 -10.95 -6.24
N GLU B 244 -8.23 -11.56 -6.12
CA GLU B 244 -8.08 -12.83 -5.45
C GLU B 244 -7.44 -12.64 -4.08
N GLY B 245 -7.87 -13.42 -3.10
CA GLY B 245 -7.15 -13.50 -1.84
C GLY B 245 -8.04 -13.31 -0.63
N HIS B 246 -7.42 -13.54 0.53
CA HIS B 246 -8.08 -13.46 1.82
C HIS B 246 -7.91 -12.11 2.49
N LEU B 247 -6.99 -11.26 2.01
CA LEU B 247 -6.65 -10.00 2.67
C LEU B 247 -6.75 -8.84 1.69
N PRO B 248 -7.95 -8.58 1.15
CA PRO B 248 -8.07 -7.50 0.16
C PRO B 248 -7.72 -6.13 0.70
N HIS B 249 -7.77 -5.92 2.02
CA HIS B 249 -7.32 -4.65 2.59
C HIS B 249 -5.83 -4.45 2.43
N LEU B 250 -5.04 -5.53 2.39
CA LEU B 250 -3.62 -5.42 2.10
C LEU B 250 -3.35 -5.41 0.61
N SER B 251 -4.07 -6.23 -0.16
CA SER B 251 -3.67 -6.48 -1.53
C SER B 251 -4.46 -5.68 -2.56
N ALA B 252 -5.66 -5.22 -2.23
CA ALA B 252 -6.48 -4.45 -3.16
C ALA B 252 -7.23 -3.34 -2.42
N PRO B 253 -6.49 -2.47 -1.70
CA PRO B 253 -7.17 -1.48 -0.86
C PRO B 253 -8.06 -0.52 -1.63
N SER B 254 -7.68 -0.11 -2.84
CA SER B 254 -8.53 0.79 -3.61
CA SER B 254 -8.54 0.80 -3.59
C SER B 254 -9.88 0.15 -3.93
N LEU B 255 -9.86 -1.12 -4.33
CA LEU B 255 -11.11 -1.80 -4.64
C LEU B 255 -11.95 -2.01 -3.39
N LEU B 256 -11.32 -2.44 -2.30
CA LEU B 256 -12.09 -2.60 -1.06
C LEU B 256 -12.67 -1.26 -0.60
N ALA B 257 -11.90 -0.18 -0.75
CA ALA B 257 -12.37 1.13 -0.30
C ALA B 257 -13.69 1.52 -0.96
N GLN B 258 -13.85 1.20 -2.24
CA GLN B 258 -15.09 1.61 -2.91
C GLN B 258 -16.28 0.88 -2.29
N VAL B 259 -16.10 -0.40 -1.95
CA VAL B 259 -17.15 -1.16 -1.30
C VAL B 259 -17.42 -0.61 0.10
N LEU B 260 -16.36 -0.34 0.87
CA LEU B 260 -16.55 0.17 2.22
C LEU B 260 -17.27 1.51 2.21
N ARG B 261 -16.89 2.41 1.30
CA ARG B 261 -17.55 3.72 1.27
C ARG B 261 -19.03 3.57 0.92
N ARG B 262 -19.36 2.67 -0.01
CA ARG B 262 -20.77 2.40 -0.31
C ARG B 262 -21.51 1.88 0.91
N ALA B 263 -20.91 0.91 1.62
CA ALA B 263 -21.58 0.31 2.77
C ALA B 263 -21.76 1.28 3.91
N LEU B 264 -20.83 2.23 4.05
CA LEU B 264 -20.81 3.15 5.19
C LEU B 264 -21.47 4.47 4.88
N ALA B 265 -22.05 4.64 3.69
CA ALA B 265 -22.63 5.92 3.30
C ALA B 265 -23.85 6.26 4.16
N ARG B 266 -24.69 5.30 4.46
CA ARG B 266 -25.87 5.50 5.29
C ARG B 266 -26.03 4.29 6.20
N TYR B 267 -26.07 4.52 7.46
CA TYR B 267 -26.35 3.46 8.44
C TYR B 267 -26.90 3.99 9.76
C1 MRD C . 4.31 17.10 -10.86
C2 MRD C . 3.76 15.67 -10.81
O2 MRD C . 3.93 15.07 -12.06
CM MRD C . 4.50 14.88 -9.74
C3 MRD C . 2.27 15.71 -10.42
C4 MRD C . 1.39 15.46 -11.64
O4 MRD C . 2.02 15.96 -12.78
C5 MRD C . 0.07 16.19 -11.44
C1 GOL D . 10.58 27.70 -19.44
O1 GOL D . 9.60 26.82 -19.89
C2 GOL D . 10.47 29.01 -20.26
O2 GOL D . 9.34 29.76 -19.93
C3 GOL D . 11.79 29.76 -19.97
O3 GOL D . 11.95 30.71 -20.97
C1 GOL E . 25.99 -2.82 -25.75
O1 GOL E . 26.15 -1.78 -24.81
C2 GOL E . 26.98 -3.93 -25.34
O2 GOL E . 26.63 -4.49 -24.14
C3 GOL E . 26.88 -4.97 -26.48
O3 GOL E . 25.54 -5.36 -26.55
C1 GOL F . 12.00 6.74 6.77
O1 GOL F . 11.00 6.38 7.69
C2 GOL F . 12.37 5.46 5.97
O2 GOL F . 12.78 4.44 6.80
C3 GOL F . 13.46 5.88 4.95
O3 GOL F . 14.47 6.58 5.65
C1 MPD G . -8.90 -20.13 9.90
C2 MPD G . -7.72 -19.16 9.83
O2 MPD G . -7.97 -18.22 8.75
CM MPD G . -7.61 -18.38 11.13
C3 MPD G . -6.43 -19.92 9.56
C4 MPD G . -6.49 -20.77 8.29
O4 MPD G . -6.91 -19.96 7.22
C5 MPD G . -5.13 -21.38 7.96
C1 GOL H . -21.86 -23.24 2.46
O1 GOL H . -20.72 -23.37 1.66
C2 GOL H . -22.90 -24.30 1.99
O2 GOL H . -22.30 -25.48 1.58
C3 GOL H . -23.71 -23.60 0.87
O3 GOL H . -24.67 -24.52 0.43
C1 GOL I . -15.92 9.46 19.29
O1 GOL I . -14.84 10.14 18.73
C2 GOL I . -15.44 8.96 20.65
O2 GOL I . -14.06 9.12 20.78
C3 GOL I . -16.23 9.80 21.70
O3 GOL I . -15.56 9.64 22.93
C1 GOL J . -16.36 -28.30 16.34
O1 GOL J . -15.84 -27.31 17.17
C2 GOL J . -17.41 -27.62 15.46
O2 GOL J . -16.84 -26.72 14.56
C3 GOL J . -18.39 -26.92 16.44
O3 GOL J . -18.96 -27.92 17.22
C1 GOL K . -8.09 -23.31 21.80
O1 GOL K . -9.37 -22.80 21.92
C2 GOL K . -7.90 -24.39 22.88
O2 GOL K . -9.04 -25.17 23.07
C3 GOL K . -6.72 -25.23 22.39
O3 GOL K . -6.38 -26.09 23.43
#